data_8WGG
#
_entry.id   8WGG
#
_cell.length_a   36.911
_cell.length_b   58.630
_cell.length_c   212.985
_cell.angle_alpha   90.00
_cell.angle_beta   90.00
_cell.angle_gamma   90.00
#
_symmetry.space_group_name_H-M   'P 21 21 21'
#
loop_
_entity.id
_entity.type
_entity.pdbx_description
1 polymer 'FimA fimbrial subunit-like protein, putative'
2 non-polymer 'FORMIC ACID'
3 non-polymer 'ACETIC ACID'
4 non-polymer 1,2-ETHANEDIOL
5 non-polymer 'ACETATE ION'
6 non-polymer 'SODIUM ION'
7 water water
#
_entity_poly.entity_id   1
_entity_poly.type   'polypeptide(L)'
_entity_poly.pdbx_seq_one_letter_code
;MGSSHHHHHHSSGLVPRRGSHMSADTTTYTIQLTGTSSGHVYELYHIFSGDLDANNVLTNIEWGAGVAIGDRAKFGDASE
KAASLSGKQNDSSEVKAFAQELSNSLSAAGRTRVRSEQGTTTISGLKPGYYLIKDSNGSLDNVKGQAYTSIMLQVAKDTT
IAIKSDVPTLTKQVKASNSENYISATDYAIWDTVPFQITVTLPSNYGDFSKYHFSVKDSMTSGMINNGDIQVYLQQGGSE
VAITDSFSITTNNGLTVSIADLKTLPNVNENSKIVIRYTARLKDSATLGTTGNSNTASLTYSNNPNNNASTTAQTLDSRA
TVYTYRLRLTKVNERQERVAGAGFTLYKKINNQYSEVRKIEASSSSTFDFYGIKAGDYKLVESTTPAGYNTMKDIEFTIT
STIDSTGALTDMTSTSATATFETDVNRGYINLKVVNKQGALLPNTGGIGTT
;
_entity_poly.pdbx_strand_id   A
#
loop_
_chem_comp.id
_chem_comp.type
_chem_comp.name
_chem_comp.formula
ACT non-polymer 'ACETATE ION' 'C2 H3 O2 -1'
ACY non-polymer 'ACETIC ACID' 'C2 H4 O2'
EDO non-polymer 1,2-ETHANEDIOL 'C2 H6 O2'
FMT non-polymer 'FORMIC ACID' 'C H2 O2'
NA non-polymer 'SODIUM ION' 'Na 1'
#
# COMPACT_ATOMS: atom_id res chain seq x y z
N THR A 26 -29.74 16.29 38.47
CA THR A 26 -28.95 15.05 38.48
C THR A 26 -27.56 15.33 37.88
N THR A 27 -26.72 14.33 37.83
CA THR A 27 -25.36 14.51 37.26
C THR A 27 -25.33 13.80 35.91
N THR A 28 -24.57 14.34 34.96
CA THR A 28 -24.38 13.76 33.62
C THR A 28 -22.87 13.67 33.37
N TYR A 29 -22.48 12.82 32.46
CA TYR A 29 -21.07 12.57 32.19
C TYR A 29 -20.81 12.58 30.69
N THR A 30 -19.51 12.66 30.38
CA THR A 30 -19.03 12.73 29.02
C THR A 30 -18.13 11.54 28.74
N ILE A 31 -18.28 10.96 27.55
CA ILE A 31 -17.26 10.07 27.00
C ILE A 31 -16.72 10.73 25.74
N GLN A 32 -15.39 10.89 25.68
CA GLN A 32 -14.73 11.40 24.50
C GLN A 32 -13.94 10.25 23.88
N LEU A 33 -14.22 9.97 22.60
CA LEU A 33 -13.55 8.89 21.89
C LEU A 33 -12.51 9.48 20.95
N THR A 34 -11.25 9.05 21.09
CA THR A 34 -10.18 9.53 20.24
C THR A 34 -9.85 8.46 19.20
N GLY A 35 -9.20 8.89 18.12
CA GLY A 35 -8.87 8.02 17.00
C GLY A 35 -10.10 7.66 16.15
N THR A 36 -11.13 8.51 16.17
CA THR A 36 -12.37 8.26 15.44
C THR A 36 -12.25 8.80 14.02
N SER A 37 -13.14 8.32 13.16
CA SER A 37 -13.17 8.70 11.77
C SER A 37 -14.55 9.27 11.46
N SER A 38 -14.60 10.22 10.53
CA SER A 38 -15.85 10.73 10.01
C SER A 38 -16.60 9.61 9.30
N GLY A 39 -17.93 9.70 9.26
CA GLY A 39 -18.71 8.79 8.43
C GLY A 39 -19.18 7.57 9.23
N HIS A 40 -19.10 7.67 10.56
CA HIS A 40 -19.57 6.60 11.42
C HIS A 40 -20.74 7.12 12.24
N VAL A 41 -21.56 6.18 12.69
CA VAL A 41 -22.60 6.48 13.65
C VAL A 41 -22.37 5.57 14.84
N TYR A 42 -21.92 6.15 15.94
CA TYR A 42 -21.66 5.37 17.14
C TYR A 42 -22.92 5.30 17.99
N GLU A 43 -23.14 4.14 18.60
CA GLU A 43 -24.27 3.92 19.49
C GLU A 43 -23.77 3.57 20.89
N LEU A 44 -24.33 4.28 21.88
CA LEU A 44 -24.04 4.04 23.28
C LEU A 44 -25.30 3.50 23.93
N TYR A 45 -25.19 2.30 24.53
CA TYR A 45 -26.31 1.67 25.22
C TYR A 45 -26.06 1.70 26.73
N HIS A 46 -27.05 2.19 27.48
CA HIS A 46 -26.95 2.31 28.92
C HIS A 46 -27.14 0.94 29.56
N ILE A 47 -26.07 0.33 30.05
CA ILE A 47 -26.13 -1.02 30.60
C ILE A 47 -26.50 -0.94 32.07
N PHE A 48 -25.71 -0.19 32.86
CA PHE A 48 -25.97 -0.03 34.28
C PHE A 48 -26.21 1.44 34.61
N SER A 49 -27.23 1.72 35.43
CA SER A 49 -27.35 3.01 36.07
C SER A 49 -26.70 2.92 37.44
N GLY A 50 -26.40 4.09 38.01
CA GLY A 50 -25.86 4.15 39.36
C GLY A 50 -25.30 5.53 39.65
N ASP A 51 -24.56 5.63 40.77
CA ASP A 51 -23.93 6.87 41.17
C ASP A 51 -22.42 6.67 41.12
N LEU A 52 -21.73 7.62 40.47
CA LEU A 52 -20.29 7.54 40.33
C LEU A 52 -19.63 8.47 41.33
N ASP A 53 -18.65 7.94 42.08
CA ASP A 53 -17.92 8.73 43.06
C ASP A 53 -16.62 9.25 42.43
N ALA A 54 -15.78 9.87 43.24
CA ALA A 54 -14.57 10.54 42.78
C ALA A 54 -13.48 9.52 42.41
N ASN A 55 -13.63 8.27 42.86
CA ASN A 55 -12.71 7.19 42.52
C ASN A 55 -13.25 6.32 41.40
N ASN A 56 -14.30 6.79 40.71
CA ASN A 56 -14.96 6.09 39.62
C ASN A 56 -15.51 4.74 40.05
N VAL A 57 -16.02 4.68 41.28
CA VAL A 57 -16.70 3.51 41.78
C VAL A 57 -18.20 3.73 41.61
N LEU A 58 -18.92 2.69 41.18
CA LEU A 58 -20.33 2.79 40.89
C LEU A 58 -21.16 2.11 41.96
N THR A 59 -22.08 2.88 42.56
CA THR A 59 -22.96 2.36 43.60
C THR A 59 -24.41 2.47 43.14
N ASN A 60 -25.27 1.68 43.81
CA ASN A 60 -26.72 1.76 43.68
C ASN A 60 -27.14 1.40 42.27
N ILE A 61 -26.64 0.22 41.84
CA ILE A 61 -26.64 -0.20 40.44
C ILE A 61 -27.97 -0.86 40.11
N GLU A 62 -28.53 -0.47 38.95
CA GLU A 62 -29.69 -1.14 38.37
C GLU A 62 -29.39 -1.35 36.89
N TRP A 63 -30.26 -2.12 36.22
CA TRP A 63 -30.19 -2.27 34.78
C TRP A 63 -30.63 -0.99 34.11
N GLY A 64 -29.82 -0.51 33.15
CA GLY A 64 -30.21 0.61 32.33
C GLY A 64 -31.16 0.18 31.23
N ALA A 65 -31.75 1.16 30.56
CA ALA A 65 -32.74 0.92 29.52
C ALA A 65 -32.11 0.30 28.27
N GLY A 66 -30.78 0.32 28.20
CA GLY A 66 -30.08 -0.23 27.05
C GLY A 66 -30.15 -1.74 26.99
N VAL A 67 -30.43 -2.41 28.10
CA VAL A 67 -30.59 -3.86 28.10
C VAL A 67 -32.10 -4.17 28.06
N ALA A 68 -32.50 -4.95 27.07
CA ALA A 68 -33.89 -5.36 26.90
C ALA A 68 -34.38 -6.07 28.16
N ILE A 69 -35.59 -5.74 28.60
CA ILE A 69 -36.11 -6.23 29.87
C ILE A 69 -36.18 -7.76 29.87
N GLY A 70 -36.52 -8.34 28.73
CA GLY A 70 -36.61 -9.78 28.59
C GLY A 70 -35.28 -10.49 28.86
N ASP A 71 -34.16 -9.82 28.54
CA ASP A 71 -32.85 -10.47 28.57
C ASP A 71 -32.13 -10.24 29.89
N ARG A 72 -32.68 -9.38 30.76
CA ARG A 72 -32.03 -8.97 31.99
C ARG A 72 -31.92 -10.16 32.93
N ALA A 73 -33.00 -10.93 33.02
CA ALA A 73 -33.09 -12.04 33.96
C ALA A 73 -32.02 -13.11 33.66
N LYS A 74 -31.54 -13.17 32.41
CA LYS A 74 -30.53 -14.16 32.05
C LYS A 74 -29.15 -13.74 32.59
N PHE A 75 -28.96 -12.45 32.92
CA PHE A 75 -27.75 -11.99 33.59
C PHE A 75 -27.90 -11.97 35.11
N GLY A 76 -29.14 -11.82 35.60
CA GLY A 76 -29.45 -11.77 37.02
C GLY A 76 -29.49 -10.35 37.55
N ASP A 77 -29.27 -10.21 38.86
CA ASP A 77 -29.21 -8.93 39.54
C ASP A 77 -28.05 -8.10 38.97
N ALA A 78 -28.35 -6.83 38.65
CA ALA A 78 -27.38 -5.95 38.01
C ALA A 78 -26.22 -5.67 38.96
N SER A 79 -26.57 -5.36 40.21
CA SER A 79 -25.59 -5.05 41.22
C SER A 79 -24.58 -6.18 41.42
N GLU A 80 -25.05 -7.42 41.47
CA GLU A 80 -24.18 -8.57 41.69
C GLU A 80 -23.40 -8.91 40.43
N LYS A 81 -24.01 -8.67 39.25
CA LYS A 81 -23.29 -8.83 38.00
C LYS A 81 -22.14 -7.84 37.93
N ALA A 82 -22.43 -6.59 38.31
CA ALA A 82 -21.43 -5.55 38.37
C ALA A 82 -20.32 -5.92 39.35
N ALA A 83 -20.73 -6.45 40.51
CA ALA A 83 -19.78 -6.81 41.55
C ALA A 83 -18.86 -7.92 41.07
N SER A 84 -19.39 -8.86 40.28
CA SER A 84 -18.63 -9.98 39.78
C SER A 84 -17.53 -9.51 38.82
N LEU A 85 -17.75 -8.35 38.18
CA LEU A 85 -16.81 -7.81 37.21
C LEU A 85 -15.86 -6.81 37.84
N SER A 86 -16.12 -6.42 39.11
CA SER A 86 -15.42 -5.34 39.77
C SER A 86 -13.94 -5.72 39.93
N GLY A 87 -13.06 -4.86 39.41
CA GLY A 87 -11.63 -5.07 39.55
C GLY A 87 -11.00 -5.78 38.37
N LYS A 88 -11.79 -6.25 37.40
CA LYS A 88 -11.27 -7.03 36.28
C LYS A 88 -10.86 -6.10 35.15
N GLN A 89 -9.90 -6.58 34.34
CA GLN A 89 -9.34 -5.81 33.24
C GLN A 89 -10.45 -5.55 32.22
N ASN A 90 -10.33 -4.44 31.48
CA ASN A 90 -11.29 -4.09 30.45
C ASN A 90 -11.20 -5.12 29.31
N ASP A 91 -10.02 -5.74 29.16
CA ASP A 91 -9.76 -6.70 28.09
C ASP A 91 -9.64 -8.11 28.64
N SER A 92 -10.14 -8.36 29.86
CA SER A 92 -10.16 -9.69 30.44
C SER A 92 -11.27 -10.50 29.78
N SER A 93 -11.22 -11.83 29.93
CA SER A 93 -12.11 -12.72 29.20
C SER A 93 -13.56 -12.56 29.65
N GLU A 94 -13.77 -12.35 30.97
CA GLU A 94 -15.11 -12.27 31.53
C GLU A 94 -15.81 -11.01 31.04
N VAL A 95 -15.04 -9.94 30.86
CA VAL A 95 -15.58 -8.67 30.42
C VAL A 95 -15.86 -8.72 28.92
N LYS A 96 -14.95 -9.35 28.15
CA LYS A 96 -15.16 -9.52 26.72
C LYS A 96 -16.42 -10.34 26.50
N ALA A 97 -16.62 -11.36 27.35
CA ALA A 97 -17.77 -12.25 27.25
C ALA A 97 -19.06 -11.46 27.51
N PHE A 98 -19.03 -10.60 28.53
CA PHE A 98 -20.19 -9.81 28.92
C PHE A 98 -20.55 -8.83 27.81
N ALA A 99 -19.53 -8.26 27.16
CA ALA A 99 -19.76 -7.32 26.07
C ALA A 99 -20.50 -7.98 24.90
N GLN A 100 -20.08 -9.19 24.54
CA GLN A 100 -20.61 -9.90 23.37
C GLN A 100 -22.01 -10.41 23.67
N GLU A 101 -22.30 -10.78 24.91
CA GLU A 101 -23.63 -11.22 25.28
C GLU A 101 -24.60 -10.05 25.34
N LEU A 102 -24.13 -8.91 25.86
CA LEU A 102 -24.93 -7.70 25.89
C LEU A 102 -25.30 -7.26 24.47
N SER A 103 -24.40 -7.46 23.52
CA SER A 103 -24.60 -7.01 22.16
C SER A 103 -25.82 -7.67 21.54
N ASN A 104 -26.24 -8.82 22.09
CA ASN A 104 -27.41 -9.56 21.62
C ASN A 104 -28.59 -9.37 22.56
N SER A 105 -28.53 -8.33 23.41
CA SER A 105 -29.54 -8.10 24.43
C SER A 105 -29.88 -6.61 24.51
N LEU A 106 -29.67 -5.86 23.44
CA LEU A 106 -29.72 -4.42 23.50
C LEU A 106 -31.14 -3.95 23.28
N SER A 107 -31.43 -2.72 23.75
CA SER A 107 -32.70 -2.07 23.49
C SER A 107 -32.48 -0.62 23.07
N ALA A 108 -33.31 -0.14 22.14
CA ALA A 108 -33.26 1.24 21.67
C ALA A 108 -33.72 2.22 22.74
N ALA A 109 -34.42 1.70 23.75
CA ALA A 109 -34.87 2.50 24.88
C ALA A 109 -33.72 3.26 25.53
N GLY A 110 -32.55 2.63 25.69
CA GLY A 110 -31.40 3.24 26.34
C GLY A 110 -30.26 3.53 25.37
N ARG A 111 -30.61 3.89 24.12
CA ARG A 111 -29.62 4.09 23.06
C ARG A 111 -29.39 5.59 22.82
N THR A 112 -28.13 5.96 22.62
CA THR A 112 -27.75 7.29 22.16
C THR A 112 -26.91 7.11 20.90
N ARG A 113 -27.36 7.75 19.81
CA ARG A 113 -26.63 7.69 18.55
C ARG A 113 -25.92 9.02 18.35
N VAL A 114 -24.66 8.95 17.89
CA VAL A 114 -23.82 10.11 17.68
C VAL A 114 -23.12 9.95 16.34
N ARG A 115 -23.21 10.97 15.48
CA ARG A 115 -22.42 10.97 14.25
C ARG A 115 -20.97 11.28 14.64
N SER A 116 -20.03 10.58 14.02
CA SER A 116 -18.62 10.72 14.34
C SER A 116 -18.05 12.00 13.74
N GLU A 117 -17.00 12.51 14.38
CA GLU A 117 -16.10 13.47 13.77
C GLU A 117 -14.77 12.79 13.51
N GLN A 118 -13.95 13.41 12.67
CA GLN A 118 -12.60 12.96 12.46
C GLN A 118 -11.74 13.36 13.65
N GLY A 119 -10.99 12.38 14.18
CA GLY A 119 -10.05 12.62 15.26
C GLY A 119 -10.67 12.28 16.61
N THR A 120 -11.66 13.08 17.02
CA THR A 120 -12.24 12.99 18.35
C THR A 120 -13.76 13.14 18.29
N THR A 121 -14.47 12.22 18.92
CA THR A 121 -15.93 12.30 18.97
C THR A 121 -16.33 12.39 20.44
N THR A 122 -17.15 13.38 20.79
CA THR A 122 -17.50 13.64 22.18
C THR A 122 -18.99 13.45 22.38
N ILE A 123 -19.36 12.69 23.43
CA ILE A 123 -20.74 12.47 23.80
C ILE A 123 -20.90 12.98 25.23
N SER A 124 -21.71 14.03 25.39
CA SER A 124 -21.95 14.60 26.70
C SER A 124 -23.40 14.38 27.11
N GLY A 125 -23.68 14.58 28.41
CA GLY A 125 -25.04 14.54 28.92
C GLY A 125 -25.54 13.12 29.13
N LEU A 126 -24.61 12.18 29.32
CA LEU A 126 -24.93 10.80 29.56
C LEU A 126 -25.34 10.64 31.02
N LYS A 127 -26.41 9.87 31.23
CA LYS A 127 -26.76 9.43 32.57
C LYS A 127 -25.59 8.64 33.13
N PRO A 128 -25.33 8.70 34.46
CA PRO A 128 -24.19 8.00 35.03
C PRO A 128 -24.33 6.49 34.87
N GLY A 129 -23.19 5.82 34.70
CA GLY A 129 -23.16 4.38 34.72
C GLY A 129 -22.28 3.81 33.61
N TYR A 130 -22.61 2.58 33.20
CA TYR A 130 -21.80 1.77 32.30
C TYR A 130 -22.51 1.74 30.95
N TYR A 131 -21.72 1.88 29.89
CA TYR A 131 -22.25 1.96 28.54
C TYR A 131 -21.56 0.94 27.64
N LEU A 132 -22.34 0.39 26.70
CA LEU A 132 -21.81 -0.41 25.61
C LEU A 132 -21.72 0.47 24.37
N ILE A 133 -20.55 0.48 23.72
CA ILE A 133 -20.31 1.29 22.54
C ILE A 133 -20.05 0.39 21.33
N LYS A 134 -20.76 0.67 20.23
CA LYS A 134 -20.57 -0.06 18.98
C LYS A 134 -20.86 0.88 17.82
N ASP A 135 -20.46 0.46 16.62
CA ASP A 135 -20.90 1.09 15.39
C ASP A 135 -22.32 0.60 15.06
N SER A 136 -23.16 1.52 14.58
CA SER A 136 -24.51 1.19 14.17
C SER A 136 -24.51 0.09 13.10
N ASN A 137 -25.41 -0.88 13.22
CA ASN A 137 -25.43 -2.05 12.34
C ASN A 137 -25.59 -1.66 10.88
N GLY A 138 -24.69 -2.17 10.03
CA GLY A 138 -24.79 -1.99 8.58
C GLY A 138 -24.35 -0.60 8.10
N SER A 139 -23.82 0.23 9.00
CA SER A 139 -23.54 1.63 8.71
C SER A 139 -22.26 1.78 7.88
N LEU A 140 -21.40 0.77 7.88
CA LEU A 140 -20.10 0.81 7.19
C LEU A 140 -20.02 -0.23 6.06
N ASP A 141 -21.16 -0.78 5.62
CA ASP A 141 -21.13 -1.85 4.64
C ASP A 141 -20.63 -1.26 3.32
N ASN A 142 -19.60 -1.91 2.76
CA ASN A 142 -19.03 -1.54 1.47
C ASN A 142 -18.44 -0.14 1.50
N VAL A 143 -17.94 0.29 2.66
CA VAL A 143 -17.21 1.54 2.77
C VAL A 143 -15.73 1.18 2.93
N LYS A 144 -14.92 1.68 1.99
CA LYS A 144 -13.50 1.33 1.93
C LYS A 144 -12.75 1.99 3.07
N GLY A 145 -11.76 1.28 3.62
CA GLY A 145 -10.85 1.81 4.61
C GLY A 145 -11.51 2.07 5.96
N GLN A 146 -12.59 1.38 6.26
CA GLN A 146 -13.27 1.53 7.53
C GLN A 146 -13.50 0.15 8.13
N ALA A 147 -13.79 0.14 9.44
CA ALA A 147 -14.05 -1.09 10.16
C ALA A 147 -14.96 -0.78 11.35
N TYR A 148 -15.76 -1.80 11.72
CA TYR A 148 -16.59 -1.72 12.90
C TYR A 148 -15.72 -1.80 14.15
N THR A 149 -16.01 -0.97 15.15
CA THR A 149 -15.27 -1.00 16.38
C THR A 149 -15.51 -2.31 17.11
N SER A 150 -14.46 -2.79 17.81
CA SER A 150 -14.64 -3.78 18.86
C SER A 150 -15.61 -3.19 19.86
N ILE A 151 -16.64 -3.97 20.23
CA ILE A 151 -17.63 -3.50 21.17
C ILE A 151 -16.90 -3.20 22.48
N MET A 152 -17.18 -2.02 23.02
CA MET A 152 -16.52 -1.49 24.18
C MET A 152 -17.53 -1.38 25.33
N LEU A 153 -17.05 -1.64 26.55
CA LEU A 153 -17.79 -1.32 27.77
C LEU A 153 -17.03 -0.23 28.51
N GLN A 154 -17.73 0.89 28.80
CA GLN A 154 -17.10 2.07 29.38
C GLN A 154 -18.01 2.70 30.44
N VAL A 155 -17.37 3.13 31.55
CA VAL A 155 -18.02 3.98 32.52
C VAL A 155 -17.94 5.41 32.00
N ALA A 156 -19.07 6.11 31.99
CA ALA A 156 -19.07 7.51 31.59
C ALA A 156 -18.52 8.35 32.75
N LYS A 157 -17.27 8.84 32.61
CA LYS A 157 -16.61 9.50 33.74
C LYS A 157 -15.77 10.71 33.33
N ASP A 158 -16.20 11.41 32.29
CA ASP A 158 -15.59 12.65 31.84
C ASP A 158 -14.12 12.40 31.48
N THR A 159 -13.86 11.34 30.73
CA THR A 159 -12.51 11.03 30.30
C THR A 159 -12.53 10.70 28.82
N THR A 160 -11.35 10.74 28.23
CA THR A 160 -11.13 10.37 26.86
C THR A 160 -10.62 8.94 26.81
N ILE A 161 -11.12 8.14 25.86
CA ILE A 161 -10.61 6.80 25.62
C ILE A 161 -10.43 6.62 24.12
N ALA A 162 -9.50 5.74 23.74
CA ALA A 162 -9.30 5.40 22.35
C ALA A 162 -10.39 4.42 21.91
N ILE A 163 -11.06 4.71 20.78
CA ILE A 163 -11.97 3.76 20.19
C ILE A 163 -11.18 2.49 19.84
N LYS A 164 -11.75 1.32 20.18
CA LYS A 164 -11.11 0.03 19.87
C LYS A 164 -11.46 -0.35 18.43
N SER A 165 -10.98 0.48 17.51
CA SER A 165 -11.27 0.32 16.11
C SER A 165 -10.03 0.72 15.34
N ASP A 166 -9.71 -0.06 14.32
CA ASP A 166 -8.59 0.25 13.46
C ASP A 166 -8.79 -0.52 12.16
N VAL A 167 -8.04 -0.10 11.15
CA VAL A 167 -8.03 -0.76 9.87
C VAL A 167 -6.60 -1.17 9.52
N PRO A 168 -6.41 -2.28 8.79
CA PRO A 168 -5.09 -2.59 8.23
C PRO A 168 -4.76 -1.54 7.16
N THR A 169 -3.48 -1.42 6.84
CA THR A 169 -3.02 -0.53 5.79
C THR A 169 -2.23 -1.35 4.78
N LEU A 170 -2.28 -0.94 3.51
CA LEU A 170 -1.43 -1.57 2.51
C LEU A 170 -0.68 -0.50 1.73
N THR A 171 0.62 -0.73 1.51
CA THR A 171 1.45 0.17 0.73
C THR A 171 2.20 -0.65 -0.31
N LYS A 172 1.98 -0.33 -1.60
CA LYS A 172 2.74 -0.94 -2.68
C LYS A 172 3.90 -0.02 -3.02
N GLN A 173 5.11 -0.58 -3.12
CA GLN A 173 6.30 0.21 -3.43
C GLN A 173 7.16 -0.57 -4.42
N VAL A 174 8.07 0.17 -5.05
CA VAL A 174 9.05 -0.39 -5.96
C VAL A 174 10.43 0.04 -5.48
N LYS A 175 11.42 -0.86 -5.61
CA LYS A 175 12.79 -0.57 -5.23
C LYS A 175 13.33 0.54 -6.12
N ALA A 176 13.87 1.60 -5.51
CA ALA A 176 14.51 2.68 -6.24
C ALA A 176 15.59 2.11 -7.14
N SER A 177 15.70 2.67 -8.33
CA SER A 177 16.71 2.27 -9.31
C SER A 177 18.11 2.38 -8.73
N ASN A 178 18.39 3.46 -7.97
CA ASN A 178 19.75 3.82 -7.60
C ASN A 178 20.01 3.60 -6.11
N SER A 179 19.19 2.79 -5.43
CA SER A 179 19.40 2.52 -4.01
C SER A 179 18.56 1.32 -3.59
N GLU A 180 18.65 0.95 -2.31
CA GLU A 180 18.02 -0.26 -1.81
C GLU A 180 16.63 0.01 -1.22
N ASN A 181 16.26 1.27 -1.09
CA ASN A 181 15.01 1.57 -0.42
C ASN A 181 13.85 1.54 -1.41
N TYR A 182 12.66 1.32 -0.86
CA TYR A 182 11.43 1.16 -1.60
C TYR A 182 10.68 2.48 -1.59
N ILE A 183 10.19 2.90 -2.77
CA ILE A 183 9.54 4.18 -2.95
C ILE A 183 8.33 3.96 -3.85
N SER A 184 7.58 5.02 -4.14
CA SER A 184 6.37 4.88 -4.92
CA SER A 184 6.37 4.92 -4.93
C SER A 184 6.67 4.83 -6.42
N ALA A 185 7.75 5.47 -6.86
CA ALA A 185 8.03 5.60 -8.29
C ALA A 185 9.52 5.68 -8.55
N THR A 186 9.94 5.12 -9.69
CA THR A 186 11.32 5.22 -10.10
C THR A 186 11.37 4.98 -11.61
N ASP A 187 12.59 4.92 -12.15
CA ASP A 187 12.76 4.57 -13.54
C ASP A 187 13.58 3.30 -13.63
N TYR A 188 13.35 2.51 -14.69
CA TYR A 188 14.06 1.26 -14.88
C TYR A 188 14.33 1.08 -16.38
N ALA A 189 15.28 0.19 -16.65
CA ALA A 189 15.67 -0.11 -18.03
C ALA A 189 15.21 -1.53 -18.36
N ILE A 190 15.29 -1.88 -19.65
CA ILE A 190 14.86 -3.17 -20.17
C ILE A 190 15.75 -4.29 -19.62
N TRP A 191 17.01 -4.00 -19.29
CA TRP A 191 17.92 -5.01 -18.78
C TRP A 191 17.77 -5.23 -17.27
N ASP A 192 16.93 -4.44 -16.60
CA ASP A 192 16.79 -4.49 -15.14
C ASP A 192 15.67 -5.44 -14.73
N THR A 193 15.84 -6.01 -13.52
CA THR A 193 14.77 -6.63 -12.77
C THR A 193 14.12 -5.60 -11.86
N VAL A 194 12.79 -5.49 -11.94
CA VAL A 194 12.03 -4.50 -11.19
C VAL A 194 11.45 -5.15 -9.92
N PRO A 195 12.05 -4.95 -8.72
CA PRO A 195 11.49 -5.50 -7.48
C PRO A 195 10.35 -4.69 -6.90
N PHE A 196 9.27 -5.38 -6.54
CA PHE A 196 8.11 -4.75 -5.93
C PHE A 196 7.96 -5.31 -4.52
N GLN A 197 7.31 -4.54 -3.66
CA GLN A 197 7.12 -4.90 -2.26
C GLN A 197 5.82 -4.29 -1.79
N ILE A 198 4.91 -5.15 -1.33
CA ILE A 198 3.65 -4.72 -0.75
C ILE A 198 3.74 -4.96 0.75
N THR A 199 3.62 -3.88 1.54
CA THR A 199 3.66 -4.00 2.98
C THR A 199 2.25 -3.81 3.54
N VAL A 200 1.79 -4.79 4.33
CA VAL A 200 0.52 -4.72 5.02
C VAL A 200 0.73 -4.64 6.52
N THR A 201 0.09 -3.66 7.17
CA THR A 201 0.02 -3.60 8.62
C THR A 201 -1.34 -4.14 9.05
N LEU A 202 -1.38 -4.73 10.24
CA LEU A 202 -2.63 -5.27 10.76
C LEU A 202 -3.25 -4.30 11.76
N PRO A 203 -4.57 -4.35 12.01
CA PRO A 203 -5.21 -3.42 12.92
C PRO A 203 -4.80 -3.74 14.35
N SER A 204 -4.85 -2.70 15.18
CA SER A 204 -4.43 -2.78 16.57
C SER A 204 -5.33 -3.76 17.31
N ASN A 205 -6.57 -3.97 16.84
CA ASN A 205 -7.53 -4.83 17.48
C ASN A 205 -7.63 -6.19 16.80
N TYR A 206 -6.56 -6.63 16.12
CA TYR A 206 -6.47 -7.91 15.45
C TYR A 206 -6.80 -9.06 16.41
N GLY A 207 -6.33 -8.97 17.66
CA GLY A 207 -6.60 -9.99 18.69
C GLY A 207 -8.07 -10.28 18.99
N ASP A 208 -8.94 -9.27 18.86
CA ASP A 208 -10.37 -9.41 19.05
C ASP A 208 -11.05 -10.26 17.97
N PHE A 209 -10.46 -10.40 16.79
CA PHE A 209 -11.05 -11.24 15.75
C PHE A 209 -10.82 -12.72 16.07
N SER A 210 -11.84 -13.56 15.86
CA SER A 210 -11.75 -15.01 15.98
C SER A 210 -11.14 -15.62 14.73
N LYS A 211 -11.47 -15.03 13.57
CA LYS A 211 -10.86 -15.34 12.29
C LYS A 211 -10.63 -14.05 11.50
N TYR A 212 -9.71 -14.08 10.51
CA TYR A 212 -9.35 -12.87 9.80
C TYR A 212 -9.12 -13.18 8.31
N HIS A 213 -10.08 -12.73 7.50
CA HIS A 213 -9.95 -12.84 6.05
C HIS A 213 -8.87 -11.86 5.59
N PHE A 214 -8.05 -12.27 4.62
CA PHE A 214 -6.90 -11.51 4.20
C PHE A 214 -6.63 -11.81 2.73
N SER A 215 -6.84 -10.81 1.89
CA SER A 215 -6.67 -11.01 0.46
C SER A 215 -6.11 -9.73 -0.15
N VAL A 216 -4.89 -9.81 -0.67
CA VAL A 216 -4.24 -8.74 -1.40
C VAL A 216 -4.45 -8.96 -2.90
N LYS A 217 -4.94 -7.92 -3.59
CA LYS A 217 -5.11 -7.93 -5.03
CA LYS A 217 -5.08 -7.95 -5.04
C LYS A 217 -4.18 -6.88 -5.64
N ASP A 218 -3.39 -7.28 -6.65
CA ASP A 218 -2.50 -6.37 -7.36
C ASP A 218 -2.87 -6.44 -8.84
N SER A 219 -3.08 -5.26 -9.45
CA SER A 219 -3.46 -5.18 -10.86
C SER A 219 -2.33 -5.68 -11.74
N MET A 220 -1.09 -5.61 -11.23
CA MET A 220 0.14 -5.79 -12.00
C MET A 220 0.26 -4.68 -13.04
N THR A 221 1.32 -4.72 -13.84
CA THR A 221 1.68 -3.60 -14.69
C THR A 221 1.56 -4.07 -16.13
N SER A 222 0.78 -3.36 -16.92
CA SER A 222 0.51 -3.77 -18.29
C SER A 222 1.76 -3.79 -19.18
N GLY A 223 2.67 -2.84 -18.97
CA GLY A 223 3.88 -2.84 -19.79
C GLY A 223 5.02 -3.62 -19.15
N MET A 224 4.72 -4.61 -18.30
CA MET A 224 5.73 -5.47 -17.71
C MET A 224 5.29 -6.92 -17.73
N ILE A 225 6.27 -7.81 -17.61
CA ILE A 225 6.04 -9.22 -17.42
C ILE A 225 6.37 -9.57 -15.97
N ASN A 226 5.42 -10.20 -15.28
CA ASN A 226 5.65 -10.66 -13.92
C ASN A 226 6.54 -11.91 -13.95
N ASN A 227 7.55 -11.97 -13.08
CA ASN A 227 8.50 -13.06 -13.09
C ASN A 227 7.98 -14.28 -12.33
N GLY A 228 6.83 -14.15 -11.66
CA GLY A 228 6.23 -15.28 -10.96
C GLY A 228 7.11 -15.79 -9.81
N ASP A 229 7.83 -14.89 -9.12
CA ASP A 229 8.74 -15.26 -8.06
C ASP A 229 8.19 -14.71 -6.74
N ILE A 230 6.88 -14.76 -6.60
CA ILE A 230 6.22 -14.12 -5.48
C ILE A 230 6.46 -14.89 -4.19
N GLN A 231 6.77 -14.14 -3.13
CA GLN A 231 6.97 -14.69 -1.79
C GLN A 231 6.25 -13.80 -0.79
N VAL A 232 5.80 -14.42 0.31
CA VAL A 232 5.12 -13.72 1.38
C VAL A 232 5.91 -13.91 2.67
N TYR A 233 6.00 -12.83 3.47
CA TYR A 233 6.85 -12.85 4.65
C TYR A 233 6.09 -12.33 5.87
N LEU A 234 6.39 -12.94 7.01
CA LEU A 234 5.97 -12.37 8.28
C LEU A 234 7.13 -11.55 8.85
N GLN A 235 6.91 -10.24 9.02
CA GLN A 235 7.94 -9.32 9.47
C GLN A 235 7.55 -8.75 10.83
N GLN A 236 8.39 -8.98 11.83
CA GLN A 236 8.27 -8.37 13.15
C GLN A 236 9.56 -8.58 13.92
N GLY A 237 9.89 -7.66 14.84
CA GLY A 237 11.09 -7.79 15.65
C GLY A 237 12.39 -7.70 14.84
N GLY A 238 12.33 -7.05 13.68
CA GLY A 238 13.50 -6.92 12.82
C GLY A 238 13.87 -8.21 12.09
N SER A 239 12.95 -9.20 12.01
CA SER A 239 13.26 -10.42 11.27
C SER A 239 12.09 -10.84 10.39
N GLU A 240 12.38 -11.74 9.45
CA GLU A 240 11.44 -12.20 8.46
C GLU A 240 11.45 -13.73 8.37
N VAL A 241 10.25 -14.30 8.28
CA VAL A 241 10.05 -15.71 8.00
C VAL A 241 9.11 -15.84 6.79
N ALA A 242 9.46 -16.73 5.86
CA ALA A 242 8.64 -16.99 4.69
C ALA A 242 7.39 -17.75 5.11
N ILE A 243 6.24 -17.30 4.61
CA ILE A 243 4.95 -17.92 4.91
C ILE A 243 4.18 -18.13 3.60
N THR A 244 4.89 -18.19 2.47
CA THR A 244 4.28 -18.20 1.14
C THR A 244 3.34 -19.37 0.94
N ASP A 245 3.70 -20.55 1.44
CA ASP A 245 2.93 -21.76 1.20
C ASP A 245 1.56 -21.71 1.89
N SER A 246 1.37 -20.82 2.88
CA SER A 246 0.08 -20.72 3.56
C SER A 246 -0.92 -19.90 2.74
N PHE A 247 -0.50 -19.29 1.63
CA PHE A 247 -1.35 -18.39 0.87
C PHE A 247 -1.68 -19.01 -0.48
N SER A 248 -2.91 -18.75 -0.93
CA SER A 248 -3.35 -19.04 -2.28
C SER A 248 -2.96 -17.88 -3.20
N ILE A 249 -2.13 -18.16 -4.20
CA ILE A 249 -1.61 -17.14 -5.11
C ILE A 249 -2.15 -17.40 -6.52
N THR A 250 -3.04 -16.52 -7.00
CA THR A 250 -3.78 -16.76 -8.25
C THR A 250 -3.59 -15.59 -9.21
N THR A 251 -4.00 -15.79 -10.48
CA THR A 251 -3.90 -14.74 -11.50
C THR A 251 -5.16 -14.69 -12.38
N ASN A 252 -6.32 -15.07 -11.80
CA ASN A 252 -7.58 -15.06 -12.52
C ASN A 252 -8.20 -13.65 -12.49
N ASN A 253 -7.93 -12.90 -11.41
CA ASN A 253 -8.50 -11.59 -11.21
C ASN A 253 -7.44 -10.69 -10.58
N GLY A 254 -6.56 -10.15 -11.42
CA GLY A 254 -5.32 -9.56 -10.95
C GLY A 254 -4.45 -10.62 -10.28
N LEU A 255 -3.32 -10.21 -9.72
CA LEU A 255 -2.49 -11.08 -8.91
C LEU A 255 -3.06 -11.05 -7.50
N THR A 256 -3.66 -12.17 -7.06
CA THR A 256 -4.30 -12.18 -5.75
C THR A 256 -3.55 -13.13 -4.81
N VAL A 257 -3.29 -12.67 -3.58
CA VAL A 257 -2.58 -13.44 -2.58
C VAL A 257 -3.50 -13.52 -1.36
N SER A 258 -4.03 -14.71 -1.05
CA SER A 258 -5.14 -14.85 -0.12
C SER A 258 -4.85 -15.93 0.92
N ILE A 259 -5.42 -15.73 2.11
CA ILE A 259 -5.60 -16.81 3.06
C ILE A 259 -6.99 -16.64 3.66
N ALA A 260 -7.72 -17.74 3.78
CA ALA A 260 -9.09 -17.70 4.28
C ALA A 260 -9.10 -17.13 5.69
N ASP A 261 -8.13 -17.54 6.52
CA ASP A 261 -8.10 -17.17 7.93
C ASP A 261 -6.64 -17.01 8.37
N LEU A 262 -6.23 -15.74 8.58
CA LEU A 262 -4.87 -15.40 8.95
C LEU A 262 -4.56 -15.84 10.39
N LYS A 263 -5.61 -16.16 11.16
CA LYS A 263 -5.43 -16.63 12.52
C LYS A 263 -4.84 -18.04 12.55
N THR A 264 -4.84 -18.75 11.44
CA THR A 264 -4.24 -20.07 11.37
C THR A 264 -2.72 -19.96 11.36
N LEU A 265 -2.19 -18.74 11.16
CA LEU A 265 -0.77 -18.46 11.37
C LEU A 265 -0.60 -17.91 12.79
N PRO A 266 -0.20 -18.73 13.77
CA PRO A 266 -0.26 -18.31 15.17
C PRO A 266 0.72 -17.21 15.60
N ASN A 267 1.82 -17.04 14.88
CA ASN A 267 2.80 -16.02 15.23
C ASN A 267 2.45 -14.67 14.63
N VAL A 268 1.34 -14.58 13.88
CA VAL A 268 0.84 -13.32 13.38
C VAL A 268 -0.02 -12.67 14.47
N ASN A 269 0.23 -11.37 14.72
CA ASN A 269 -0.46 -10.60 15.74
C ASN A 269 -0.57 -9.14 15.27
N GLU A 270 -1.22 -8.31 16.09
CA GLU A 270 -1.56 -6.93 15.78
C GLU A 270 -0.34 -6.13 15.35
N ASN A 271 0.86 -6.52 15.82
CA ASN A 271 2.07 -5.76 15.54
C ASN A 271 2.88 -6.39 14.40
N SER A 272 2.35 -7.43 13.78
CA SER A 272 3.00 -8.10 12.66
C SER A 272 2.80 -7.28 11.39
N LYS A 273 3.78 -7.38 10.49
CA LYS A 273 3.64 -6.88 9.13
C LYS A 273 3.68 -8.08 8.17
N ILE A 274 2.78 -8.09 7.20
CA ILE A 274 2.82 -9.05 6.12
C ILE A 274 3.39 -8.36 4.89
N VAL A 275 4.47 -8.92 4.35
CA VAL A 275 5.20 -8.32 3.24
C VAL A 275 5.24 -9.29 2.08
N ILE A 276 4.73 -8.82 0.93
CA ILE A 276 4.77 -9.56 -0.33
C ILE A 276 5.82 -8.95 -1.25
N ARG A 277 6.72 -9.77 -1.79
CA ARG A 277 7.71 -9.32 -2.75
C ARG A 277 7.60 -10.18 -4.00
N TYR A 278 7.81 -9.52 -5.15
CA TYR A 278 7.93 -10.20 -6.42
C TYR A 278 8.72 -9.27 -7.34
N THR A 279 9.16 -9.80 -8.48
CA THR A 279 9.88 -8.99 -9.45
C THR A 279 9.21 -9.07 -10.82
N ALA A 280 9.42 -8.04 -11.63
CA ALA A 280 8.92 -8.01 -12.99
C ALA A 280 10.02 -7.44 -13.88
N ARG A 281 9.80 -7.48 -15.17
CA ARG A 281 10.71 -6.86 -16.13
C ARG A 281 9.92 -6.12 -17.20
N LEU A 282 10.48 -5.02 -17.71
CA LEU A 282 9.81 -4.19 -18.69
C LEU A 282 9.71 -4.97 -20.01
N LYS A 283 8.58 -4.80 -20.71
CA LYS A 283 8.43 -5.25 -22.08
C LYS A 283 9.04 -4.19 -22.98
N ASP A 284 9.21 -4.54 -24.25
CA ASP A 284 9.69 -3.62 -25.25
C ASP A 284 8.54 -2.77 -25.81
N SER A 285 7.36 -2.90 -25.22
CA SER A 285 6.20 -2.08 -25.52
C SER A 285 5.76 -1.31 -24.27
N ALA A 286 6.61 -1.23 -23.23
CA ALA A 286 6.24 -0.50 -22.02
C ALA A 286 6.00 0.97 -22.33
N THR A 287 5.12 1.61 -21.56
CA THR A 287 4.81 3.02 -21.77
C THR A 287 6.08 3.84 -21.52
N LEU A 288 6.38 4.76 -22.43
CA LEU A 288 7.53 5.65 -22.30
C LEU A 288 7.06 6.96 -21.71
N GLY A 289 7.95 7.66 -21.01
CA GLY A 289 7.71 9.05 -20.65
C GLY A 289 6.86 9.16 -19.40
N THR A 290 6.09 10.25 -19.34
CA THR A 290 5.55 10.76 -18.10
C THR A 290 4.32 9.98 -17.65
N THR A 291 3.65 9.27 -18.56
CA THR A 291 2.49 8.47 -18.16
C THR A 291 2.93 7.37 -17.21
N GLY A 292 4.02 6.69 -17.55
CA GLY A 292 4.58 5.66 -16.68
C GLY A 292 3.84 4.33 -16.81
N ASN A 293 4.33 3.33 -16.07
CA ASN A 293 3.76 2.00 -16.04
C ASN A 293 3.33 1.71 -14.61
N SER A 294 2.02 1.83 -14.33
CA SER A 294 1.53 1.82 -12.96
C SER A 294 0.81 0.50 -12.64
N ASN A 295 0.82 0.15 -11.36
CA ASN A 295 0.03 -0.96 -10.83
C ASN A 295 -0.56 -0.52 -9.50
N THR A 296 -1.72 -1.10 -9.18
CA THR A 296 -2.43 -0.72 -7.96
C THR A 296 -2.69 -2.00 -7.17
N ALA A 297 -2.64 -1.86 -5.85
CA ALA A 297 -2.87 -2.97 -4.96
C ALA A 297 -3.77 -2.50 -3.84
N SER A 298 -4.61 -3.40 -3.37
CA SER A 298 -5.51 -3.13 -2.25
C SER A 298 -5.69 -4.42 -1.44
N LEU A 299 -6.10 -4.26 -0.17
CA LEU A 299 -6.31 -5.37 0.71
C LEU A 299 -7.80 -5.52 1.01
N THR A 300 -8.29 -6.76 0.93
CA THR A 300 -9.59 -7.13 1.45
C THR A 300 -9.42 -7.80 2.81
N TYR A 301 -10.14 -7.28 3.83
CA TYR A 301 -9.93 -7.68 5.22
C TYR A 301 -11.26 -7.81 5.93
N SER A 302 -11.29 -8.67 6.96
CA SER A 302 -12.40 -8.75 7.88
C SER A 302 -12.54 -7.42 8.59
N ASN A 303 -13.73 -6.81 8.55
CA ASN A 303 -13.91 -5.44 9.03
C ASN A 303 -14.81 -5.35 10.28
N ASN A 304 -15.17 -6.50 10.90
CA ASN A 304 -16.00 -6.51 12.09
C ASN A 304 -15.55 -7.63 13.01
N PRO A 305 -14.94 -7.32 14.19
CA PRO A 305 -14.47 -8.35 15.11
C PRO A 305 -15.54 -8.94 16.02
N ASN A 306 -16.76 -8.40 15.97
CA ASN A 306 -17.80 -8.79 16.89
C ASN A 306 -18.67 -9.91 16.31
N ASN A 307 -19.06 -10.85 17.19
CA ASN A 307 -20.05 -11.90 16.89
C ASN A 307 -19.57 -12.77 15.74
N ASN A 308 -18.24 -12.99 15.66
CA ASN A 308 -17.63 -13.86 14.68
CA ASN A 308 -17.65 -13.89 14.68
C ASN A 308 -18.12 -13.52 13.27
N ALA A 309 -18.23 -12.21 12.98
CA ALA A 309 -18.77 -11.75 11.72
C ALA A 309 -17.81 -12.07 10.57
N SER A 310 -18.37 -12.16 9.34
CA SER A 310 -17.60 -12.53 8.16
C SER A 310 -17.66 -11.46 7.07
N THR A 311 -18.17 -10.26 7.37
CA THR A 311 -18.12 -9.15 6.43
C THR A 311 -16.67 -8.71 6.16
N THR A 312 -16.43 -8.11 4.99
CA THR A 312 -15.11 -7.60 4.66
C THR A 312 -15.22 -6.16 4.16
N ALA A 313 -14.08 -5.48 4.19
CA ALA A 313 -13.92 -4.21 3.51
C ALA A 313 -12.64 -4.23 2.69
N GLN A 314 -12.47 -3.20 1.87
CA GLN A 314 -11.30 -3.08 1.03
C GLN A 314 -10.57 -1.78 1.36
N THR A 315 -9.22 -1.83 1.42
CA THR A 315 -8.42 -0.63 1.56
C THR A 315 -8.51 0.19 0.27
N LEU A 316 -8.19 1.48 0.34
CA LEU A 316 -8.00 2.26 -0.87
C LEU A 316 -6.78 1.71 -1.61
N ASP A 317 -6.71 1.96 -2.92
CA ASP A 317 -5.59 1.49 -3.72
C ASP A 317 -4.31 2.20 -3.33
N SER A 318 -3.20 1.45 -3.40
CA SER A 318 -1.85 1.99 -3.33
C SER A 318 -1.19 1.78 -4.70
N ARG A 319 -0.66 2.85 -5.27
CA ARG A 319 -0.11 2.79 -6.62
C ARG A 319 1.41 2.93 -6.61
N ALA A 320 2.08 2.16 -7.48
CA ALA A 320 3.49 2.33 -7.76
C ALA A 320 3.65 2.52 -9.28
N THR A 321 4.68 3.26 -9.69
CA THR A 321 4.88 3.60 -11.08
C THR A 321 6.34 3.38 -11.47
N VAL A 322 6.56 2.89 -12.69
CA VAL A 322 7.89 2.77 -13.24
C VAL A 322 7.94 3.52 -14.58
N TYR A 323 8.94 4.38 -14.71
CA TYR A 323 9.14 5.16 -15.91
C TYR A 323 10.28 4.54 -16.70
N THR A 324 10.22 4.73 -18.01
CA THR A 324 11.32 4.33 -18.86
C THR A 324 11.30 5.22 -20.10
N TYR A 325 12.43 5.23 -20.82
CA TYR A 325 12.60 6.04 -22.01
C TYR A 325 13.02 5.17 -23.19
N ARG A 326 12.98 5.76 -24.40
CA ARG A 326 13.58 5.18 -25.58
C ARG A 326 14.69 6.10 -26.07
N LEU A 327 15.91 5.57 -26.22
CA LEU A 327 17.00 6.23 -26.90
C LEU A 327 17.02 5.81 -28.37
N ARG A 328 16.85 6.78 -29.26
CA ARG A 328 16.90 6.53 -30.69
C ARG A 328 18.15 7.16 -31.29
N LEU A 329 18.87 6.40 -32.12
CA LEU A 329 19.95 6.98 -32.92
C LEU A 329 19.50 6.98 -34.39
N THR A 330 19.79 8.07 -35.10
CA THR A 330 19.50 8.18 -36.51
C THR A 330 20.82 8.42 -37.23
N LYS A 331 21.23 7.45 -38.05
CA LYS A 331 22.55 7.49 -38.67
C LYS A 331 22.45 8.20 -40.02
N VAL A 332 23.18 9.31 -40.13
CA VAL A 332 23.10 10.13 -41.33
C VAL A 332 24.53 10.41 -41.81
N ASN A 333 24.65 11.11 -42.94
CA ASN A 333 25.96 11.64 -43.34
C ASN A 333 25.86 13.16 -43.48
N GLU A 334 26.92 13.81 -43.99
CA GLU A 334 26.95 15.27 -44.15
C GLU A 334 26.08 15.70 -45.33
N ARG A 335 25.76 14.77 -46.21
CA ARG A 335 24.83 15.05 -47.31
C ARG A 335 23.39 14.93 -46.83
N GLN A 336 23.20 14.71 -45.52
CA GLN A 336 21.86 14.54 -44.95
C GLN A 336 21.16 13.33 -45.56
N GLU A 337 21.94 12.31 -45.90
CA GLU A 337 21.39 11.05 -46.36
C GLU A 337 21.35 10.07 -45.19
N ARG A 338 20.41 9.13 -45.25
CA ARG A 338 20.38 8.08 -44.24
C ARG A 338 21.38 7.00 -44.62
N VAL A 339 22.11 6.49 -43.62
CA VAL A 339 23.22 5.56 -43.81
C VAL A 339 22.92 4.28 -43.06
N ALA A 340 22.96 3.17 -43.81
CA ALA A 340 22.81 1.82 -43.28
C ALA A 340 24.17 1.24 -42.92
N GLY A 341 24.16 0.19 -42.10
CA GLY A 341 25.33 -0.62 -41.87
C GLY A 341 26.16 -0.23 -40.65
N ALA A 342 25.66 0.71 -39.85
CA ALA A 342 26.27 1.05 -38.58
C ALA A 342 25.78 0.05 -37.54
N GLY A 343 26.63 -0.18 -36.54
CA GLY A 343 26.28 -0.99 -35.38
C GLY A 343 26.74 -0.30 -34.10
N PHE A 344 25.89 -0.36 -33.06
CA PHE A 344 26.16 0.37 -31.83
C PHE A 344 26.12 -0.58 -30.63
N THR A 345 27.04 -0.35 -29.68
CA THR A 345 27.06 -1.08 -28.42
C THR A 345 26.87 -0.06 -27.29
N LEU A 346 25.82 -0.24 -26.49
CA LEU A 346 25.54 0.64 -25.36
C LEU A 346 26.14 0.06 -24.07
N TYR A 347 26.90 0.88 -23.37
CA TYR A 347 27.50 0.56 -22.09
C TYR A 347 26.87 1.44 -21.03
N LYS A 348 26.75 0.92 -19.81
CA LYS A 348 26.36 1.72 -18.67
C LYS A 348 27.50 1.64 -17.65
N LYS A 349 27.70 2.74 -16.93
CA LYS A 349 28.81 2.84 -16.01
C LYS A 349 28.41 2.24 -14.67
N ILE A 350 29.10 1.16 -14.30
CA ILE A 350 29.14 0.67 -12.92
C ILE A 350 30.53 0.97 -12.37
N ASN A 351 30.60 1.90 -11.41
CA ASN A 351 31.87 2.31 -10.81
C ASN A 351 32.67 3.10 -11.84
N ASN A 352 33.92 2.68 -12.08
CA ASN A 352 34.72 3.20 -13.18
C ASN A 352 34.59 2.28 -14.40
N GLN A 353 33.82 1.20 -14.24
CA GLN A 353 33.78 0.13 -15.23
C GLN A 353 32.51 0.24 -16.06
N TYR A 354 32.68 0.46 -17.37
CA TYR A 354 31.58 0.43 -18.31
C TYR A 354 31.24 -1.03 -18.60
N SER A 355 29.95 -1.35 -18.58
CA SER A 355 29.50 -2.70 -18.83
C SER A 355 28.44 -2.71 -19.94
N GLU A 356 28.63 -3.58 -20.95
CA GLU A 356 27.71 -3.66 -22.08
C GLU A 356 26.33 -4.09 -21.57
N VAL A 357 25.31 -3.29 -21.92
CA VAL A 357 23.92 -3.57 -21.61
C VAL A 357 23.14 -3.96 -22.86
N ARG A 358 23.36 -3.29 -24.00
CA ARG A 358 22.68 -3.65 -25.24
C ARG A 358 23.62 -3.48 -26.42
N LYS A 359 23.45 -4.34 -27.43
CA LYS A 359 24.14 -4.18 -28.69
C LYS A 359 23.10 -4.27 -29.81
N ILE A 360 23.24 -3.40 -30.81
CA ILE A 360 22.48 -3.53 -32.04
C ILE A 360 23.45 -3.76 -33.20
N GLU A 361 23.40 -4.96 -33.76
CA GLU A 361 24.32 -5.35 -34.83
C GLU A 361 23.97 -4.57 -36.09
N ALA A 362 24.92 -4.51 -37.02
CA ALA A 362 24.74 -3.77 -38.26
C ALA A 362 23.66 -4.46 -39.11
N SER A 363 22.84 -3.66 -39.79
CA SER A 363 21.83 -4.20 -40.69
C SER A 363 21.61 -3.19 -41.80
N SER A 364 20.51 -3.34 -42.53
CA SER A 364 20.11 -2.36 -43.53
C SER A 364 19.44 -1.16 -42.85
N SER A 365 19.24 -1.22 -41.52
CA SER A 365 18.61 -0.14 -40.80
C SER A 365 19.54 1.06 -40.64
N SER A 366 18.94 2.25 -40.69
CA SER A 366 19.63 3.49 -40.34
C SER A 366 19.12 4.09 -39.05
N THR A 367 18.25 3.37 -38.33
CA THR A 367 17.72 3.83 -37.06
C THR A 367 17.95 2.74 -36.02
N PHE A 368 18.25 3.18 -34.79
CA PHE A 368 18.61 2.30 -33.69
C PHE A 368 17.80 2.71 -32.46
N ASP A 369 16.91 1.82 -32.03
CA ASP A 369 16.06 2.05 -30.87
C ASP A 369 16.54 1.20 -29.71
N PHE A 370 17.04 1.88 -28.67
CA PHE A 370 17.33 1.29 -27.39
C PHE A 370 16.12 1.52 -26.50
N TYR A 371 15.16 0.63 -26.61
CA TYR A 371 13.88 0.81 -25.95
C TYR A 371 14.02 0.36 -24.50
N GLY A 372 13.78 1.28 -23.57
CA GLY A 372 13.82 0.96 -22.15
C GLY A 372 15.16 1.33 -21.54
N ILE A 373 15.40 2.64 -21.43
CA ILE A 373 16.61 3.18 -20.84
C ILE A 373 16.19 4.09 -19.68
N LYS A 374 17.08 4.20 -18.69
CA LYS A 374 16.78 4.94 -17.48
C LYS A 374 17.89 5.96 -17.20
N ALA A 375 17.74 6.68 -16.08
CA ALA A 375 18.76 7.60 -15.64
C ALA A 375 20.01 6.81 -15.28
N GLY A 376 21.17 7.37 -15.64
CA GLY A 376 22.46 6.76 -15.37
C GLY A 376 23.51 7.32 -16.31
N ASP A 377 24.75 6.83 -16.18
CA ASP A 377 25.84 7.25 -17.05
C ASP A 377 26.11 6.16 -18.07
N TYR A 378 26.27 6.57 -19.34
CA TYR A 378 26.33 5.62 -20.43
C TYR A 378 27.51 5.95 -21.33
N LYS A 379 27.91 4.97 -22.14
CA LYS A 379 28.82 5.20 -23.24
C LYS A 379 28.27 4.48 -24.46
N LEU A 380 28.25 5.20 -25.58
CA LEU A 380 27.80 4.66 -26.85
C LEU A 380 29.02 4.45 -27.76
N VAL A 381 29.23 3.21 -28.16
CA VAL A 381 30.36 2.80 -29.06
C VAL A 381 29.81 2.40 -30.43
N GLU A 382 30.45 2.90 -31.50
CA GLU A 382 30.09 2.52 -32.89
C GLU A 382 30.86 1.24 -33.20
N SER A 383 30.29 0.09 -32.81
CA SER A 383 30.96 -1.23 -32.94
C SER A 383 31.11 -1.65 -34.40
N THR A 384 30.24 -1.20 -35.27
CA THR A 384 30.43 -1.39 -36.70
C THR A 384 30.24 -0.06 -37.40
N THR A 385 31.23 0.32 -38.23
CA THR A 385 31.19 1.58 -38.94
C THR A 385 30.74 1.32 -40.37
N PRO A 386 29.81 2.13 -40.93
CA PRO A 386 29.38 1.95 -42.32
C PRO A 386 30.60 2.11 -43.22
N ALA A 387 30.58 1.35 -44.33
CA ALA A 387 31.68 1.41 -45.26
C ALA A 387 31.86 2.85 -45.76
N GLY A 388 33.11 3.32 -45.79
CA GLY A 388 33.50 4.56 -46.43
C GLY A 388 33.32 5.80 -45.53
N TYR A 389 33.26 5.61 -44.22
CA TYR A 389 33.13 6.72 -43.30
C TYR A 389 34.07 6.52 -42.12
N ASN A 390 34.39 7.64 -41.45
CA ASN A 390 35.15 7.64 -40.22
C ASN A 390 34.31 6.99 -39.12
N THR A 391 34.96 6.13 -38.32
CA THR A 391 34.39 5.62 -37.08
C THR A 391 34.14 6.80 -36.15
N MET A 392 32.92 6.90 -35.61
CA MET A 392 32.56 7.89 -34.61
C MET A 392 33.39 7.70 -33.33
N LYS A 393 33.76 8.81 -32.69
CA LYS A 393 34.37 8.73 -31.36
C LYS A 393 33.32 8.35 -30.32
N ASP A 394 33.74 7.59 -29.31
CA ASP A 394 32.83 7.13 -28.25
C ASP A 394 32.15 8.35 -27.61
N ILE A 395 30.84 8.20 -27.32
CA ILE A 395 30.07 9.26 -26.67
C ILE A 395 29.69 8.83 -25.27
N GLU A 396 30.19 9.56 -24.26
CA GLU A 396 29.77 9.40 -22.88
C GLU A 396 28.65 10.40 -22.62
N PHE A 397 27.59 9.93 -21.97
CA PHE A 397 26.43 10.77 -21.75
C PHE A 397 25.72 10.36 -20.48
N THR A 398 24.93 11.28 -19.96
CA THR A 398 24.21 11.07 -18.71
C THR A 398 22.74 11.37 -18.95
N ILE A 399 21.87 10.46 -18.48
CA ILE A 399 20.44 10.68 -18.48
C ILE A 399 20.05 10.97 -17.03
N THR A 400 19.29 12.02 -16.82
CA THR A 400 18.74 12.32 -15.50
C THR A 400 17.20 12.19 -15.53
N SER A 401 16.64 11.77 -14.40
CA SER A 401 15.20 11.74 -14.21
C SER A 401 14.88 12.51 -12.94
N THR A 402 13.93 13.44 -13.00
CA THR A 402 13.44 14.10 -11.80
C THR A 402 12.02 13.61 -11.51
N ILE A 403 11.89 12.98 -10.34
CA ILE A 403 10.61 12.47 -9.87
C ILE A 403 10.27 13.20 -8.57
N ASP A 404 9.13 13.91 -8.54
CA ASP A 404 8.75 14.75 -7.41
C ASP A 404 8.24 13.87 -6.27
N SER A 405 7.84 14.51 -5.15
CA SER A 405 7.40 13.79 -3.96
C SER A 405 6.15 12.95 -4.20
N THR A 406 5.28 13.36 -5.13
CA THR A 406 4.07 12.63 -5.46
C THR A 406 4.35 11.41 -6.34
N GLY A 407 5.59 11.27 -6.81
CA GLY A 407 5.97 10.18 -7.70
C GLY A 407 5.77 10.49 -9.18
N ALA A 408 5.51 11.77 -9.50
CA ALA A 408 5.32 12.19 -10.88
C ALA A 408 6.67 12.48 -11.52
N LEU A 409 6.88 12.00 -12.75
CA LEU A 409 8.05 12.34 -13.53
C LEU A 409 7.91 13.77 -14.07
N THR A 410 8.79 14.67 -13.61
CA THR A 410 8.66 16.09 -13.89
C THR A 410 9.62 16.50 -15.01
N ASP A 411 10.78 15.87 -15.08
CA ASP A 411 11.78 16.29 -16.05
C ASP A 411 12.68 15.11 -16.38
N MET A 412 13.27 15.17 -17.58
CA MET A 412 14.31 14.25 -17.98
C MET A 412 15.25 14.99 -18.92
N THR A 413 16.56 14.76 -18.79
CA THR A 413 17.56 15.34 -19.67
C THR A 413 18.51 14.25 -20.16
N SER A 414 19.17 14.55 -21.28
CA SER A 414 20.24 13.71 -21.81
C SER A 414 21.32 14.63 -22.36
N THR A 415 22.53 14.52 -21.80
CA THR A 415 23.61 15.46 -22.10
C THR A 415 24.96 14.73 -22.20
N SER A 416 25.88 15.35 -22.95
CA SER A 416 27.22 14.82 -23.16
C SER A 416 28.15 16.00 -23.38
N ALA A 417 29.45 15.76 -23.13
CA ALA A 417 30.45 16.79 -23.39
C ALA A 417 30.78 16.85 -24.88
N THR A 418 30.37 15.83 -25.66
CA THR A 418 30.80 15.73 -27.04
C THR A 418 29.64 15.50 -28.00
N ALA A 419 28.39 15.72 -27.57
CA ALA A 419 27.21 15.45 -28.38
C ALA A 419 25.98 16.17 -27.85
N THR A 420 24.99 16.33 -28.72
CA THR A 420 23.73 16.98 -28.37
C THR A 420 22.58 16.01 -28.64
N PHE A 421 21.73 15.86 -27.62
CA PHE A 421 20.53 15.07 -27.70
C PHE A 421 19.33 15.99 -27.76
N GLU A 422 18.26 15.51 -28.41
CA GLU A 422 16.96 16.13 -28.30
C GLU A 422 16.07 15.20 -27.47
N THR A 423 15.31 15.76 -26.53
CA THR A 423 14.51 14.98 -25.61
C THR A 423 13.06 15.45 -25.65
N ASP A 424 12.14 14.51 -25.44
CA ASP A 424 10.73 14.76 -25.21
C ASP A 424 10.34 14.01 -23.96
N VAL A 425 10.20 14.74 -22.86
CA VAL A 425 9.96 14.15 -21.55
C VAL A 425 8.60 13.44 -21.50
N ASN A 426 7.57 14.06 -22.09
CA ASN A 426 6.22 13.51 -22.09
C ASN A 426 6.19 12.18 -22.83
N ARG A 427 6.79 12.12 -24.02
CA ARG A 427 6.77 10.89 -24.81
C ARG A 427 7.89 9.95 -24.39
N GLY A 428 8.86 10.46 -23.63
CA GLY A 428 9.98 9.67 -23.14
C GLY A 428 10.96 9.33 -24.26
N TYR A 429 11.21 10.30 -25.16
CA TYR A 429 12.14 10.12 -26.26
C TYR A 429 13.45 10.82 -25.98
N ILE A 430 14.55 10.13 -26.28
CA ILE A 430 15.87 10.71 -26.33
C ILE A 430 16.41 10.41 -27.71
N ASN A 431 16.74 11.46 -28.47
CA ASN A 431 17.10 11.32 -29.88
C ASN A 431 18.50 11.87 -30.10
N LEU A 432 19.35 11.08 -30.79
CA LEU A 432 20.69 11.49 -31.18
C LEU A 432 20.85 11.24 -32.67
N LYS A 433 21.33 12.26 -33.39
CA LYS A 433 21.68 12.14 -34.79
CA LYS A 433 21.67 12.09 -34.79
C LYS A 433 23.18 11.91 -34.89
N VAL A 434 23.60 10.74 -35.42
CA VAL A 434 25.01 10.41 -35.59
C VAL A 434 25.39 10.75 -37.02
N VAL A 435 26.26 11.75 -37.17
CA VAL A 435 26.64 12.26 -38.49
C VAL A 435 27.92 11.57 -38.96
N ASN A 436 27.82 10.77 -40.01
CA ASN A 436 28.93 10.06 -40.59
C ASN A 436 29.66 10.98 -41.56
N LYS A 437 30.99 11.01 -41.50
CA LYS A 437 31.79 11.84 -42.39
C LYS A 437 32.81 10.98 -43.14
N GLN A 438 32.99 11.32 -44.42
CA GLN A 438 33.94 10.61 -45.26
C GLN A 438 35.37 11.02 -44.91
N GLY A 439 36.33 10.19 -45.32
CA GLY A 439 37.73 10.45 -45.09
C GLY A 439 38.27 11.46 -46.11
N ALA A 440 39.58 11.58 -46.16
CA ALA A 440 40.25 12.56 -47.00
C ALA A 440 40.84 11.88 -48.23
N LEU A 441 40.58 12.48 -49.39
CA LEU A 441 41.25 12.13 -50.61
C LEU A 441 42.41 13.11 -50.76
N LEU A 442 43.64 12.61 -50.60
CA LEU A 442 44.84 13.45 -50.68
C LEU A 442 45.61 13.07 -51.95
N PRO A 443 45.27 13.59 -53.15
CA PRO A 443 46.05 13.29 -54.35
C PRO A 443 47.40 14.03 -54.33
C FMT B . -31.50 4.74 31.27
O1 FMT B . -31.17 3.59 31.49
O2 FMT B . -32.34 5.13 30.29
C FMT C . -6.95 4.37 6.43
O1 FMT C . -6.12 3.52 6.64
O2 FMT C . -8.31 4.18 6.40
C ACY D . -8.69 12.42 30.27
O ACY D . -9.24 11.33 30.36
OXT ACY D . -7.48 12.59 30.37
CH3 ACY D . -9.56 13.65 30.01
C1 EDO E . -6.22 -2.85 -6.67
O1 EDO E . -7.53 -2.80 -6.15
C2 EDO E . -6.19 -3.34 -8.07
O2 EDO E . -6.88 -4.55 -8.19
C ACY F . -13.50 14.86 28.40
O ACY F . -14.31 14.60 29.34
OXT ACY F . -12.35 14.36 28.32
CH3 ACY F . -13.94 15.88 27.34
C1 EDO G . 19.90 2.61 1.10
O1 EDO G . 19.42 3.91 1.41
C2 EDO G . 20.94 2.64 0.06
O2 EDO G . 21.26 1.40 -0.52
C1 EDO H . 3.33 -19.14 11.79
O1 EDO H . 2.69 -17.94 12.14
C2 EDO H . 4.42 -18.86 10.84
O2 EDO H . 5.34 -17.96 11.39
C1 EDO I . 28.25 12.07 -34.08
O1 EDO I . 27.53 12.87 -35.01
C2 EDO I . 28.25 12.69 -32.74
O2 EDO I . 26.96 13.07 -32.30
C FMT J . -8.00 -20.27 -9.85
O1 FMT J . -7.50 -21.20 -9.26
O2 FMT J . -7.31 -19.17 -10.31
C ACT K . -5.82 -21.15 2.06
O ACT K . -6.64 -20.55 2.79
OXT ACT K . -4.77 -20.63 1.60
CH3 ACT K . -6.11 -22.61 1.71
C FMT L . -5.01 2.51 10.24
O1 FMT L . -4.12 1.96 10.84
O2 FMT L . -4.84 3.66 9.51
NA NA M . -14.25 4.69 14.06
#